data_7ORE
#
_entry.id   7ORE
#
_cell.length_a   52.868
_cell.length_b   71.059
_cell.length_c   107.456
_cell.angle_alpha   90.000
_cell.angle_beta   90.000
_cell.angle_gamma   90.000
#
_symmetry.space_group_name_H-M   'P 21 21 21'
#
loop_
_entity.id
_entity.type
_entity.pdbx_description
1 polymer 'Mitogen-activated protein kinase 10'
2 non-polymer 4-(dimethylamino)-N-[(5Z)-9-[[4-[5-(4-fluorophenyl)-3-methyl-2-methylsulfanyl-imidazol-4-yl]pyridin-2-yl]amino]-11,12-dihydrobenzo[c][1,2]benzodiazocin-2-yl]butanamide
3 non-polymer 1,2-ETHANEDIOL
4 water water
#
_entity_poly.entity_id   1
_entity_poly.type   'polypeptide(L)'
_entity_poly.pdbx_seq_one_letter_code
;SMSKSKVDNQFYSVEVGDSTFTVLKRYQNLKPIGSGAQGIVCAAYDAVLDRNVAIKKLSRPFQNQTHAKRAYRELVLMKC
VNHKNIISLLNVFTPQKTLEEFQDVYLVMELMDANLCQVIQMELDHERMSYLLYQMLCGIKHLHSAGIIHRDLKPSNIVV
KSDCTLKILDFGLARTAGTSFMMTPYVVTRYYRAPEVILGMGYKENVDIWSVGCIMGEMVRHKILFPGRDYIDQWNKVIE
QLGTPCPEFMKKLQPTVRNYVENRPKYAGLTFPKLFPDSLFPADSEHNKLKASQARDLLSKMLVIDPAKRISVDDALQHP
YINVWYDPAEVEAPPPQIYDKQLDEREHTIEEWKELIYKEVMNSE
;
_entity_poly.pdbx_strand_id   A
#
# COMPACT_ATOMS: atom_id res chain seq x y z
N VAL A 7 31.67 5.25 18.80
CA VAL A 7 30.94 3.95 18.72
C VAL A 7 29.45 4.21 19.05
N ASP A 8 29.06 4.02 20.32
CA ASP A 8 27.65 4.13 20.81
C ASP A 8 27.42 5.53 21.41
N ASN A 9 28.46 6.36 21.51
CA ASN A 9 28.36 7.81 21.83
C ASN A 9 27.87 8.55 20.58
N GLN A 10 27.82 7.88 19.42
CA GLN A 10 27.13 8.38 18.18
C GLN A 10 25.61 8.39 18.39
N PHE A 11 25.09 7.69 19.41
CA PHE A 11 23.65 7.44 19.65
C PHE A 11 23.23 8.04 20.99
N TYR A 12 21.95 8.42 21.12
CA TYR A 12 21.29 8.72 22.41
C TYR A 12 19.92 8.01 22.46
N SER A 13 19.36 7.86 23.66
CA SER A 13 18.08 7.17 23.94
C SER A 13 17.07 8.18 24.50
N VAL A 14 15.85 8.17 23.97
CA VAL A 14 14.72 8.96 24.49
C VAL A 14 13.47 8.09 24.42
N GLU A 15 12.64 8.16 25.45
CA GLU A 15 11.29 7.50 25.48
C GLU A 15 10.34 8.33 24.63
N VAL A 16 9.97 7.83 23.44
CA VAL A 16 8.90 8.39 22.57
C VAL A 16 7.60 7.64 22.88
N GLY A 17 6.74 8.25 23.70
CA GLY A 17 5.52 7.63 24.26
C GLY A 17 5.88 6.47 25.18
N ASP A 18 5.72 5.23 24.68
CA ASP A 18 5.88 3.97 25.44
C ASP A 18 7.24 3.34 25.11
N SER A 19 7.70 3.56 23.87
CA SER A 19 8.93 2.96 23.29
C SER A 19 10.17 3.78 23.68
N THR A 20 11.33 3.13 23.74
CA THR A 20 12.67 3.77 23.79
C THR A 20 13.24 3.81 22.37
N PHE A 21 13.50 5.00 21.83
CA PHE A 21 14.20 5.23 20.56
C PHE A 21 15.67 5.57 20.84
N THR A 22 16.58 4.73 20.36
CA THR A 22 18.05 4.97 20.37
C THR A 22 18.48 5.28 18.94
N VAL A 23 18.79 6.54 18.67
CA VAL A 23 19.06 7.05 17.28
C VAL A 23 20.37 7.83 17.25
N LEU A 24 20.91 8.03 16.05
CA LEU A 24 22.09 8.89 15.77
C LEU A 24 21.79 10.31 16.24
N LYS A 25 22.81 11.01 16.74
CA LYS A 25 22.65 12.31 17.43
C LYS A 25 22.26 13.40 16.43
N ARG A 26 22.35 13.14 15.12
CA ARG A 26 21.88 14.04 14.02
C ARG A 26 20.36 14.17 14.06
N TYR A 27 19.65 13.19 14.63
CA TYR A 27 18.17 13.15 14.68
C TYR A 27 17.70 13.73 16.02
N GLN A 28 16.96 14.85 15.95
CA GLN A 28 16.68 15.74 17.09
C GLN A 28 15.18 16.00 17.16
N ASN A 29 14.69 16.31 18.35
CA ASN A 29 13.30 16.76 18.60
C ASN A 29 12.33 15.67 18.09
N LEU A 30 12.55 14.42 18.51
CA LEU A 30 11.67 13.27 18.19
C LEU A 30 10.29 13.51 18.79
N LYS A 31 9.24 13.27 17.99
CA LYS A 31 7.83 13.28 18.45
C LYS A 31 7.12 12.06 17.86
N PRO A 32 6.28 11.35 18.65
CA PRO A 32 5.65 10.13 18.18
C PRO A 32 4.60 10.44 17.12
N ILE A 33 4.59 9.68 16.02
CA ILE A 33 3.49 9.68 15.02
C ILE A 33 2.59 8.47 15.29
N GLY A 34 3.10 7.27 15.01
CA GLY A 34 2.33 6.01 14.99
C GLY A 34 3.05 4.87 15.69
N SER A 35 2.29 3.99 16.35
CA SER A 35 2.76 2.73 16.97
C SER A 35 1.73 1.62 16.70
N GLY A 36 2.15 0.54 16.01
CA GLY A 36 1.29 -0.57 15.60
C GLY A 36 2.08 -1.75 15.07
N ALA A 37 1.54 -2.45 14.08
CA ALA A 37 2.01 -3.77 13.56
C ALA A 37 3.44 -3.65 13.01
N GLN A 38 3.63 -2.81 11.98
CA GLN A 38 4.93 -2.66 11.25
C GLN A 38 6.04 -2.36 12.27
N GLY A 39 5.95 -1.20 12.91
CA GLY A 39 6.88 -0.71 13.94
C GLY A 39 6.30 0.51 14.63
N ILE A 40 7.13 1.28 15.31
CA ILE A 40 6.76 2.63 15.83
C ILE A 40 7.47 3.68 14.99
N VAL A 41 6.78 4.75 14.66
CA VAL A 41 7.27 5.86 13.80
C VAL A 41 7.33 7.14 14.62
N CYS A 42 8.36 7.95 14.41
CA CYS A 42 8.45 9.31 15.00
CA CYS A 42 8.53 9.30 15.02
C CYS A 42 8.85 10.33 13.93
N ALA A 43 8.50 11.59 14.15
CA ALA A 43 9.06 12.76 13.42
C ALA A 43 10.34 13.19 14.12
N ALA A 44 11.34 13.63 13.34
CA ALA A 44 12.61 14.20 13.85
C ALA A 44 13.12 15.29 12.90
N TYR A 45 13.97 16.18 13.42
CA TYR A 45 14.85 17.09 12.65
C TYR A 45 16.22 16.42 12.44
N ASP A 46 16.63 16.28 11.19
CA ASP A 46 17.97 15.82 10.79
C ASP A 46 18.88 17.04 10.59
N ALA A 47 19.79 17.25 11.55
CA ALA A 47 20.67 18.44 11.66
C ALA A 47 21.76 18.40 10.59
N VAL A 48 22.07 17.23 10.02
CA VAL A 48 23.11 17.11 8.96
C VAL A 48 22.50 17.53 7.62
N LEU A 49 21.28 17.10 7.31
CA LEU A 49 20.63 17.42 6.01
C LEU A 49 19.77 18.69 6.15
N ASP A 50 19.54 19.15 7.39
CA ASP A 50 18.68 20.31 7.70
C ASP A 50 17.30 20.10 7.06
N ARG A 51 16.69 18.96 7.35
CA ARG A 51 15.33 18.66 6.88
C ARG A 51 14.65 17.72 7.86
N ASN A 52 13.32 17.71 7.82
CA ASN A 52 12.45 16.89 8.69
C ASN A 52 12.37 15.48 8.10
N VAL A 53 12.49 14.48 8.95
CA VAL A 53 12.48 13.05 8.55
C VAL A 53 11.49 12.30 9.42
N ALA A 54 11.02 11.18 8.90
CA ALA A 54 10.31 10.13 9.64
C ALA A 54 11.29 9.00 9.95
N ILE A 55 11.24 8.48 11.18
CA ILE A 55 12.07 7.34 11.65
C ILE A 55 11.14 6.22 12.09
N LYS A 56 11.29 5.06 11.49
CA LYS A 56 10.54 3.82 11.83
C LYS A 56 11.49 2.86 12.57
N LYS A 57 11.12 2.43 13.77
CA LYS A 57 11.80 1.39 14.55
C LYS A 57 11.14 0.03 14.32
N LEU A 58 11.91 -0.93 13.82
CA LEU A 58 11.58 -2.37 13.82
C LEU A 58 12.27 -3.03 15.03
N SER A 59 11.49 -3.44 16.04
CA SER A 59 11.94 -4.23 17.22
C SER A 59 12.09 -5.70 16.83
N ARG A 60 13.31 -6.20 16.77
CA ARG A 60 13.58 -7.64 16.60
C ARG A 60 12.72 -8.13 15.44
N PRO A 61 12.98 -7.65 14.20
CA PRO A 61 12.15 -8.00 13.05
C PRO A 61 12.36 -9.47 12.66
N PHE A 62 13.38 -10.12 13.23
CA PHE A 62 13.77 -11.51 12.96
C PHE A 62 13.06 -12.45 13.94
N GLN A 63 12.12 -11.93 14.73
CA GLN A 63 11.54 -12.64 15.90
C GLN A 63 10.57 -13.73 15.43
N ASN A 64 10.00 -13.60 14.22
CA ASN A 64 9.25 -14.68 13.53
C ASN A 64 9.35 -14.48 12.01
N GLN A 65 8.98 -15.49 11.24
CA GLN A 65 9.28 -15.58 9.78
C GLN A 65 8.41 -14.55 9.01
N THR A 66 7.27 -14.14 9.55
CA THR A 66 6.39 -13.11 8.93
C THR A 66 7.04 -11.73 9.02
N HIS A 67 7.25 -11.20 10.22
CA HIS A 67 7.99 -9.93 10.42
C HIS A 67 9.30 -10.00 9.60
N ALA A 68 10.00 -11.14 9.64
CA ALA A 68 11.37 -11.30 9.12
C ALA A 68 11.36 -11.19 7.60
N LYS A 69 10.48 -11.96 6.94
CA LYS A 69 10.37 -11.99 5.45
C LYS A 69 9.98 -10.58 4.95
N ARG A 70 8.99 -9.95 5.57
CA ARG A 70 8.55 -8.56 5.26
C ARG A 70 9.74 -7.61 5.40
N ALA A 71 10.42 -7.60 6.54
CA ALA A 71 11.52 -6.63 6.83
C ALA A 71 12.64 -6.83 5.79
N TYR A 72 13.01 -8.06 5.49
CA TYR A 72 14.10 -8.37 4.54
C TYR A 72 13.71 -7.90 3.13
N ARG A 73 12.55 -8.35 2.64
CA ARG A 73 11.98 -7.98 1.31
C ARG A 73 12.03 -6.45 1.13
N GLU A 74 11.56 -5.72 2.13
CA GLU A 74 11.45 -4.24 2.12
C GLU A 74 12.86 -3.62 1.95
N LEU A 75 13.83 -4.07 2.74
CA LEU A 75 15.23 -3.55 2.71
C LEU A 75 15.83 -3.80 1.32
N VAL A 76 15.67 -5.01 0.79
CA VAL A 76 16.24 -5.46 -0.51
C VAL A 76 15.56 -4.69 -1.66
N LEU A 77 14.23 -4.58 -1.65
CA LEU A 77 13.43 -4.08 -2.80
C LEU A 77 13.63 -2.56 -2.94
N MET A 78 13.83 -1.86 -1.83
CA MET A 78 14.19 -0.42 -1.80
C MET A 78 15.31 -0.15 -2.83
N LYS A 79 16.28 -1.07 -2.95
CA LYS A 79 17.49 -0.91 -3.79
C LYS A 79 17.17 -1.18 -5.28
N CYS A 80 15.96 -1.65 -5.59
CA CYS A 80 15.52 -2.02 -6.97
C CYS A 80 14.55 -0.97 -7.54
N VAL A 81 14.24 0.07 -6.75
CA VAL A 81 13.22 1.10 -7.09
C VAL A 81 13.87 2.49 -6.99
N ASN A 82 13.66 3.32 -8.02
CA ASN A 82 14.12 4.73 -8.07
C ASN A 82 13.00 5.63 -8.62
N HIS A 83 12.05 6.04 -7.76
CA HIS A 83 10.83 6.79 -8.18
C HIS A 83 10.29 7.66 -7.05
N LYS A 84 9.89 8.89 -7.38
CA LYS A 84 9.43 9.92 -6.40
C LYS A 84 8.09 9.50 -5.76
N ASN A 85 7.35 8.56 -6.35
CA ASN A 85 6.03 8.11 -5.81
C ASN A 85 6.21 6.83 -4.98
N ILE A 86 7.44 6.32 -4.83
CA ILE A 86 7.78 5.13 -3.99
C ILE A 86 8.77 5.57 -2.89
N ILE A 87 8.62 5.02 -1.70
CA ILE A 87 9.56 5.22 -0.54
C ILE A 87 11.02 5.11 -1.05
N SER A 88 11.82 6.13 -0.74
CA SER A 88 13.31 6.11 -0.75
C SER A 88 13.81 6.27 0.68
N LEU A 89 14.84 5.53 1.06
CA LEU A 89 15.51 5.66 2.39
C LEU A 89 16.60 6.71 2.29
N LEU A 90 16.64 7.63 3.26
CA LEU A 90 17.77 8.55 3.49
C LEU A 90 18.85 7.79 4.30
N ASN A 91 18.44 6.85 5.15
CA ASN A 91 19.34 6.18 6.11
C ASN A 91 18.70 4.88 6.64
N VAL A 92 19.55 3.93 7.01
CA VAL A 92 19.18 2.74 7.82
C VAL A 92 20.32 2.46 8.78
N PHE A 93 20.02 2.13 10.02
CA PHE A 93 21.05 1.92 11.05
C PHE A 93 20.53 1.00 12.16
N THR A 94 21.46 0.38 12.88
CA THR A 94 21.21 -0.28 14.18
C THR A 94 22.18 0.31 15.21
N PRO A 95 21.72 0.60 16.45
CA PRO A 95 22.62 1.03 17.51
C PRO A 95 23.52 -0.08 18.08
N GLN A 96 23.23 -1.34 17.75
CA GLN A 96 23.97 -2.51 18.31
C GLN A 96 25.14 -2.86 17.37
N LYS A 97 26.26 -3.31 17.93
CA LYS A 97 27.58 -3.24 17.26
C LYS A 97 28.00 -4.59 16.68
N THR A 98 27.44 -5.71 17.18
CA THR A 98 27.70 -7.10 16.69
C THR A 98 26.38 -7.80 16.36
N LEU A 99 26.44 -8.86 15.51
CA LEU A 99 25.27 -9.74 15.20
C LEU A 99 24.69 -10.30 16.49
N GLU A 100 25.54 -10.65 17.45
CA GLU A 100 25.14 -11.24 18.76
C GLU A 100 24.22 -10.25 19.49
N GLU A 101 24.57 -8.97 19.51
CA GLU A 101 23.85 -7.91 20.26
C GLU A 101 22.66 -7.41 19.42
N PHE A 102 22.71 -7.61 18.10
CA PHE A 102 21.75 -7.02 17.11
C PHE A 102 20.32 -7.25 17.60
N GLN A 103 19.54 -6.18 17.68
CA GLN A 103 18.15 -6.18 18.21
C GLN A 103 17.21 -5.45 17.24
N ASP A 104 17.53 -4.20 16.88
CA ASP A 104 16.57 -3.26 16.24
C ASP A 104 17.17 -2.68 14.97
N VAL A 105 16.33 -2.47 13.96
CA VAL A 105 16.66 -1.69 12.73
C VAL A 105 15.85 -0.40 12.76
N TYR A 106 16.48 0.72 12.43
CA TYR A 106 15.82 2.04 12.25
C TYR A 106 15.86 2.43 10.78
N LEU A 107 14.70 2.86 10.25
CA LEU A 107 14.54 3.32 8.84
C LEU A 107 14.22 4.80 8.88
N VAL A 108 14.91 5.57 8.04
CA VAL A 108 14.77 7.04 7.95
C VAL A 108 14.33 7.39 6.53
N MET A 109 13.31 8.24 6.40
CA MET A 109 12.91 8.85 5.10
C MET A 109 12.37 10.27 5.32
N GLU A 110 12.19 10.98 4.21
CA GLU A 110 11.51 12.28 4.14
C GLU A 110 10.23 12.22 4.97
N LEU A 111 10.02 13.22 5.84
CA LEU A 111 8.75 13.38 6.61
C LEU A 111 7.62 13.78 5.65
N MET A 112 6.53 13.02 5.67
CA MET A 112 5.24 13.37 4.98
C MET A 112 4.25 13.85 6.04
N ASP A 113 3.09 14.37 5.64
CA ASP A 113 2.21 15.17 6.53
C ASP A 113 1.02 14.33 7.02
N ALA A 114 0.70 13.23 6.33
CA ALA A 114 -0.57 12.48 6.50
C ALA A 114 -0.51 11.19 5.71
N ASN A 115 -1.38 10.23 6.05
CA ASN A 115 -1.66 9.06 5.19
C ASN A 115 -3.00 9.27 4.48
N LEU A 116 -3.32 8.37 3.57
CA LEU A 116 -4.44 8.50 2.62
C LEU A 116 -5.75 8.21 3.36
N CYS A 117 -5.69 7.65 4.57
CA CYS A 117 -6.85 7.49 5.49
CA CYS A 117 -6.87 7.48 5.44
C CYS A 117 -7.41 8.86 5.84
N GLN A 118 -6.53 9.79 6.23
CA GLN A 118 -6.93 11.18 6.60
C GLN A 118 -7.49 11.90 5.37
N VAL A 119 -6.86 11.74 4.21
CA VAL A 119 -7.28 12.39 2.93
C VAL A 119 -8.71 11.97 2.60
N ILE A 120 -9.02 10.67 2.77
CA ILE A 120 -10.34 10.04 2.46
C ILE A 120 -11.44 10.71 3.30
N GLN A 121 -11.12 11.14 4.51
CA GLN A 121 -12.07 11.81 5.44
C GLN A 121 -12.37 13.25 4.96
N MET A 122 -11.66 13.74 3.94
CA MET A 122 -11.83 15.13 3.41
C MET A 122 -12.53 15.08 2.04
N GLU A 123 -13.33 16.09 1.73
CA GLU A 123 -13.78 16.37 0.33
C GLU A 123 -12.56 16.85 -0.46
N LEU A 124 -12.30 16.24 -1.61
CA LEU A 124 -11.29 16.68 -2.59
C LEU A 124 -11.99 17.17 -3.87
N ASP A 125 -11.47 18.22 -4.47
CA ASP A 125 -11.87 18.62 -5.85
C ASP A 125 -11.23 17.61 -6.81
N HIS A 126 -11.59 17.70 -8.08
CA HIS A 126 -11.22 16.74 -9.14
C HIS A 126 -9.73 16.85 -9.45
N GLU A 127 -9.17 18.05 -9.33
CA GLU A 127 -7.72 18.34 -9.53
C GLU A 127 -6.88 17.49 -8.56
N ARG A 128 -7.24 17.47 -7.28
CA ARG A 128 -6.48 16.77 -6.21
C ARG A 128 -6.72 15.25 -6.31
N MET A 129 -7.97 14.81 -6.53
CA MET A 129 -8.32 13.37 -6.56
C MET A 129 -7.61 12.71 -7.74
N SER A 130 -7.63 13.33 -8.92
CA SER A 130 -7.02 12.79 -10.15
C SER A 130 -5.48 12.84 -10.04
N TYR A 131 -4.93 13.84 -9.37
CA TYR A 131 -3.46 13.97 -9.21
C TYR A 131 -2.95 12.87 -8.25
N LEU A 132 -3.71 12.59 -7.19
CA LEU A 132 -3.40 11.50 -6.22
C LEU A 132 -3.47 10.13 -6.93
N LEU A 133 -4.54 9.90 -7.69
CA LEU A 133 -4.72 8.64 -8.47
C LEU A 133 -3.60 8.52 -9.51
N TYR A 134 -3.31 9.59 -10.25
CA TYR A 134 -2.21 9.63 -11.26
C TYR A 134 -0.89 9.12 -10.62
N GLN A 135 -0.54 9.65 -9.45
CA GLN A 135 0.74 9.38 -8.75
C GLN A 135 0.75 7.92 -8.26
N MET A 136 -0.37 7.44 -7.73
CA MET A 136 -0.52 6.02 -7.32
C MET A 136 -0.18 5.12 -8.51
N LEU A 137 -0.70 5.45 -9.70
CA LEU A 137 -0.58 4.62 -10.93
C LEU A 137 0.87 4.66 -11.43
N CYS A 138 1.51 5.85 -11.39
CA CYS A 138 2.95 6.05 -11.70
C CYS A 138 3.81 5.14 -10.82
N GLY A 139 3.55 5.12 -9.51
CA GLY A 139 4.26 4.29 -8.53
C GLY A 139 4.10 2.81 -8.85
N ILE A 140 2.85 2.39 -9.07
CA ILE A 140 2.48 0.98 -9.35
C ILE A 140 3.14 0.54 -10.66
N LYS A 141 3.16 1.40 -11.68
CA LYS A 141 3.82 1.09 -12.98
C LYS A 141 5.32 0.85 -12.75
N HIS A 142 5.95 1.69 -11.94
CA HIS A 142 7.39 1.58 -11.59
C HIS A 142 7.66 0.22 -10.96
N LEU A 143 6.89 -0.16 -9.94
CA LEU A 143 6.98 -1.50 -9.28
C LEU A 143 6.79 -2.61 -10.34
N HIS A 144 5.75 -2.50 -11.17
CA HIS A 144 5.40 -3.51 -12.20
C HIS A 144 6.55 -3.69 -13.19
N SER A 145 7.23 -2.60 -13.57
CA SER A 145 8.35 -2.61 -14.54
C SER A 145 9.61 -3.20 -13.88
N ALA A 146 9.68 -3.16 -12.55
CA ALA A 146 10.75 -3.80 -11.73
C ALA A 146 10.42 -5.27 -11.48
N GLY A 147 9.22 -5.73 -11.89
CA GLY A 147 8.75 -7.11 -11.68
C GLY A 147 8.13 -7.30 -10.30
N ILE A 148 7.70 -6.22 -9.68
CA ILE A 148 7.06 -6.24 -8.33
C ILE A 148 5.56 -6.01 -8.52
N ILE A 149 4.73 -7.01 -8.20
CA ILE A 149 3.24 -6.87 -8.16
C ILE A 149 2.82 -6.84 -6.70
N HIS A 150 2.18 -5.75 -6.27
CA HIS A 150 1.98 -5.36 -4.86
C HIS A 150 0.95 -6.29 -4.20
N ARG A 151 -0.32 -6.19 -4.61
CA ARG A 151 -1.44 -7.09 -4.21
C ARG A 151 -2.03 -6.71 -2.84
N ASP A 152 -1.51 -5.69 -2.15
CA ASP A 152 -2.05 -5.26 -0.82
C ASP A 152 -1.95 -3.75 -0.64
N LEU A 153 -2.13 -2.99 -1.71
CA LEU A 153 -2.14 -1.52 -1.67
C LEU A 153 -3.31 -1.07 -0.78
N LYS A 154 -3.10 -0.11 0.13
CA LYS A 154 -4.18 0.35 1.05
C LYS A 154 -3.85 1.75 1.60
N PRO A 155 -4.87 2.52 2.03
CA PRO A 155 -4.68 3.92 2.37
C PRO A 155 -3.61 4.13 3.45
N SER A 156 -3.54 3.21 4.42
CA SER A 156 -2.67 3.34 5.63
C SER A 156 -1.18 3.21 5.26
N ASN A 157 -0.86 2.61 4.10
CA ASN A 157 0.54 2.51 3.61
C ASN A 157 0.77 3.50 2.45
N ILE A 158 -0.07 4.52 2.31
CA ILE A 158 0.15 5.60 1.30
C ILE A 158 0.13 6.94 2.03
N VAL A 159 1.15 7.77 1.81
CA VAL A 159 1.32 9.05 2.54
C VAL A 159 1.41 10.18 1.52
N VAL A 160 1.05 11.37 1.97
CA VAL A 160 0.93 12.59 1.13
C VAL A 160 1.53 13.77 1.90
N LYS A 161 1.94 14.81 1.18
CA LYS A 161 2.31 16.14 1.71
C LYS A 161 1.18 17.12 1.42
N SER A 162 1.22 18.29 2.07
CA SER A 162 0.22 19.38 1.93
C SER A 162 0.14 19.80 0.46
N ASP A 163 1.23 19.65 -0.30
CA ASP A 163 1.32 20.06 -1.73
C ASP A 163 0.76 18.95 -2.64
N CYS A 164 0.13 17.92 -2.07
CA CYS A 164 -0.64 16.86 -2.78
C CYS A 164 0.31 15.83 -3.45
N THR A 165 1.59 15.81 -3.10
CA THR A 165 2.55 14.78 -3.57
C THR A 165 2.43 13.52 -2.69
N LEU A 166 2.60 12.35 -3.29
CA LEU A 166 2.17 11.03 -2.75
C LEU A 166 3.34 10.03 -2.83
N LYS A 167 3.49 9.18 -1.82
CA LYS A 167 4.43 8.02 -1.85
C LYS A 167 3.71 6.77 -1.30
N ILE A 168 3.92 5.64 -1.97
CA ILE A 168 3.62 4.26 -1.48
C ILE A 168 4.80 3.77 -0.62
N LEU A 169 4.53 3.23 0.58
CA LEU A 169 5.55 2.99 1.65
C LEU A 169 6.02 1.53 1.67
N ASP A 170 5.25 0.59 1.10
CA ASP A 170 5.44 -0.87 1.26
C ASP A 170 5.37 -1.53 -0.13
N PHE A 171 5.83 -2.78 -0.22
CA PHE A 171 5.98 -3.52 -1.52
C PHE A 171 5.04 -4.74 -1.54
N GLY A 172 4.08 -4.80 -0.62
CA GLY A 172 2.94 -5.74 -0.68
C GLY A 172 3.29 -7.14 -0.18
N LEU A 173 2.65 -8.17 -0.78
CA LEU A 173 2.72 -9.60 -0.33
C LEU A 173 3.94 -10.29 -0.97
N ALA A 174 4.40 -11.39 -0.36
CA ALA A 174 5.39 -12.32 -0.96
C ALA A 174 4.82 -12.96 -2.23
N ARG A 175 5.67 -13.31 -3.20
CA ARG A 175 5.30 -14.13 -4.38
C ARG A 175 4.62 -15.42 -3.90
N THR A 176 5.25 -16.09 -2.92
CA THR A 176 4.62 -17.13 -2.07
C THR A 176 4.87 -16.76 -0.60
N ALA A 177 3.79 -16.53 0.16
CA ALA A 177 3.82 -16.18 1.61
C ALA A 177 3.64 -17.45 2.44
N GLY A 178 2.56 -18.20 2.17
CA GLY A 178 2.19 -19.43 2.91
C GLY A 178 1.52 -19.09 4.23
N THR A 179 2.02 -19.68 5.33
CA THR A 179 1.53 -19.44 6.72
C THR A 179 2.11 -18.11 7.25
N SER A 180 1.24 -17.15 7.55
CA SER A 180 1.60 -15.83 8.14
C SER A 180 1.00 -15.69 9.54
N PHE A 181 1.15 -16.70 10.40
CA PHE A 181 0.64 -16.68 11.80
C PHE A 181 1.51 -15.76 12.67
N MET A 182 0.87 -15.00 13.56
CA MET A 182 1.54 -14.13 14.56
C MET A 182 0.63 -13.97 15.78
N MET A 183 1.23 -14.02 16.97
CA MET A 183 0.60 -13.66 18.26
C MET A 183 0.55 -12.13 18.37
N THR A 184 -0.64 -11.54 18.28
CA THR A 184 -0.85 -10.08 18.38
C THR A 184 -2.34 -9.77 18.46
N PRO A 185 -2.74 -8.58 18.94
CA PRO A 185 -4.05 -8.02 18.63
C PRO A 185 -4.07 -7.29 17.27
N TYR A 186 -2.88 -7.09 16.68
CA TYR A 186 -2.66 -6.39 15.38
C TYR A 186 -3.41 -7.13 14.25
N VAL A 187 -4.50 -6.52 13.76
CA VAL A 187 -5.45 -7.10 12.75
C VAL A 187 -5.15 -6.51 11.37
N VAL A 188 -4.94 -7.36 10.36
CA VAL A 188 -4.56 -6.97 8.97
C VAL A 188 -5.83 -6.53 8.23
N THR A 189 -5.73 -5.43 7.49
CA THR A 189 -6.86 -4.83 6.74
C THR A 189 -6.82 -5.37 5.31
N ARG A 190 -7.88 -6.04 4.86
CA ARG A 190 -7.88 -6.77 3.55
C ARG A 190 -8.98 -6.23 2.63
N TYR A 191 -9.69 -5.16 3.03
CA TYR A 191 -10.84 -4.57 2.28
C TYR A 191 -10.47 -4.21 0.82
N TYR A 192 -9.17 -4.04 0.51
CA TYR A 192 -8.66 -3.46 -0.75
C TYR A 192 -8.04 -4.56 -1.63
N ARG A 193 -8.14 -5.82 -1.20
CA ARG A 193 -7.54 -6.98 -1.92
C ARG A 193 -8.45 -7.43 -3.07
N ALA A 194 -7.85 -7.74 -4.22
CA ALA A 194 -8.51 -8.18 -5.46
C ALA A 194 -9.25 -9.49 -5.23
N PRO A 195 -10.32 -9.76 -6.01
CA PRO A 195 -10.93 -11.09 -6.02
C PRO A 195 -9.92 -12.22 -6.28
N GLU A 196 -8.93 -11.99 -7.15
CA GLU A 196 -7.81 -12.95 -7.42
C GLU A 196 -7.17 -13.36 -6.10
N VAL A 197 -6.86 -12.39 -5.27
CA VAL A 197 -6.22 -12.61 -3.94
C VAL A 197 -7.22 -13.38 -3.06
N ILE A 198 -8.43 -12.86 -2.93
CA ILE A 198 -9.48 -13.33 -1.97
C ILE A 198 -9.84 -14.78 -2.29
N LEU A 199 -9.85 -15.14 -3.58
CA LEU A 199 -10.36 -16.43 -4.08
C LEU A 199 -9.18 -17.34 -4.47
N GLY A 200 -7.94 -16.93 -4.18
CA GLY A 200 -6.73 -17.72 -4.44
C GLY A 200 -6.61 -18.11 -5.90
N MET A 201 -6.77 -17.16 -6.81
CA MET A 201 -6.62 -17.39 -8.28
C MET A 201 -5.21 -16.97 -8.71
N GLY A 202 -4.86 -17.28 -9.96
CA GLY A 202 -3.81 -16.57 -10.71
C GLY A 202 -4.10 -15.08 -10.76
N TYR A 203 -3.06 -14.27 -10.93
CA TYR A 203 -3.15 -12.80 -11.07
C TYR A 203 -2.11 -12.33 -12.08
N LYS A 204 -2.34 -11.15 -12.65
CA LYS A 204 -1.32 -10.36 -13.38
C LYS A 204 -1.29 -8.93 -12.83
N GLU A 205 -0.66 -8.01 -13.55
CA GLU A 205 -0.31 -6.65 -13.07
C GLU A 205 -1.59 -5.94 -12.58
N ASN A 206 -2.73 -6.12 -13.25
CA ASN A 206 -3.96 -5.28 -13.02
C ASN A 206 -4.71 -5.77 -11.77
N VAL A 207 -4.16 -6.74 -11.03
CA VAL A 207 -4.61 -7.06 -9.64
C VAL A 207 -4.57 -5.79 -8.77
N ASP A 208 -3.57 -4.92 -8.99
CA ASP A 208 -3.36 -3.69 -8.18
C ASP A 208 -4.40 -2.62 -8.60
N ILE A 209 -4.96 -2.72 -9.82
CA ILE A 209 -5.99 -1.76 -10.31
C ILE A 209 -7.25 -1.88 -9.45
N TRP A 210 -7.58 -3.09 -8.95
CA TRP A 210 -8.76 -3.28 -8.09
C TRP A 210 -8.60 -2.43 -6.82
N SER A 211 -7.42 -2.46 -6.21
CA SER A 211 -7.11 -1.71 -4.96
C SER A 211 -7.25 -0.19 -5.18
N VAL A 212 -6.77 0.34 -6.33
CA VAL A 212 -6.92 1.78 -6.69
C VAL A 212 -8.41 2.11 -6.78
N GLY A 213 -9.19 1.24 -7.43
CA GLY A 213 -10.66 1.31 -7.50
C GLY A 213 -11.30 1.47 -6.12
N CYS A 214 -10.93 0.61 -5.17
CA CYS A 214 -11.49 0.57 -3.79
C CYS A 214 -11.14 1.87 -3.05
N ILE A 215 -9.94 2.40 -3.30
CA ILE A 215 -9.47 3.70 -2.72
C ILE A 215 -10.26 4.86 -3.37
N MET A 216 -10.30 4.91 -4.68
CA MET A 216 -11.00 6.00 -5.42
C MET A 216 -12.48 6.02 -5.00
N GLY A 217 -13.12 4.85 -4.94
CA GLY A 217 -14.51 4.68 -4.49
C GLY A 217 -14.73 5.20 -3.08
N GLU A 218 -13.77 4.95 -2.20
CA GLU A 218 -13.82 5.36 -0.78
C GLU A 218 -13.65 6.89 -0.69
N MET A 219 -12.77 7.47 -1.50
CA MET A 219 -12.58 8.95 -1.59
C MET A 219 -13.92 9.60 -1.90
N VAL A 220 -14.72 8.99 -2.80
CA VAL A 220 -16.01 9.55 -3.30
C VAL A 220 -17.10 9.33 -2.24
N ARG A 221 -17.20 8.12 -1.71
CA ARG A 221 -18.33 7.68 -0.83
C ARG A 221 -18.05 8.10 0.62
N HIS A 222 -16.77 8.27 0.98
CA HIS A 222 -16.26 8.49 2.38
C HIS A 222 -16.62 7.30 3.28
N LYS A 223 -16.80 6.12 2.71
CA LYS A 223 -16.95 4.84 3.45
C LYS A 223 -16.23 3.73 2.68
N ILE A 224 -15.73 2.74 3.40
CA ILE A 224 -15.13 1.50 2.83
C ILE A 224 -16.16 0.81 1.92
N LEU A 225 -15.81 0.59 0.65
CA LEU A 225 -16.70 -0.07 -0.34
C LEU A 225 -17.11 -1.45 0.20
N PHE A 226 -16.13 -2.27 0.59
CA PHE A 226 -16.27 -3.73 0.78
C PHE A 226 -15.82 -4.12 2.17
N PRO A 227 -16.47 -3.60 3.23
CA PRO A 227 -16.09 -3.96 4.60
C PRO A 227 -16.40 -5.44 4.83
N GLY A 228 -16.15 -5.95 6.03
CA GLY A 228 -16.44 -7.34 6.39
C GLY A 228 -15.44 -7.89 7.36
N ARG A 229 -15.90 -8.77 8.26
CA ARG A 229 -15.09 -9.41 9.33
C ARG A 229 -13.97 -10.24 8.68
N ASP A 230 -14.21 -10.77 7.48
CA ASP A 230 -13.38 -11.83 6.83
C ASP A 230 -13.74 -11.88 5.35
N TYR A 231 -13.07 -12.73 4.59
CA TYR A 231 -13.20 -12.86 3.12
C TYR A 231 -14.66 -13.19 2.76
N ILE A 232 -15.39 -13.95 3.59
CA ILE A 232 -16.82 -14.35 3.36
C ILE A 232 -17.67 -13.08 3.25
N ASP A 233 -17.74 -12.29 4.33
CA ASP A 233 -18.39 -10.96 4.39
C ASP A 233 -17.99 -10.15 3.16
N GLN A 234 -16.69 -10.00 2.93
CA GLN A 234 -16.11 -9.13 1.88
C GLN A 234 -16.68 -9.54 0.53
N TRP A 235 -16.69 -10.85 0.25
CA TRP A 235 -17.16 -11.38 -1.05
C TRP A 235 -18.64 -11.03 -1.24
N ASN A 236 -19.45 -11.19 -0.19
CA ASN A 236 -20.90 -10.87 -0.17
C ASN A 236 -21.09 -9.40 -0.52
N LYS A 237 -20.32 -8.51 0.12
CA LYS A 237 -20.39 -7.04 -0.11
C LYS A 237 -20.01 -6.72 -1.55
N VAL A 238 -19.09 -7.49 -2.14
CA VAL A 238 -18.63 -7.27 -3.55
C VAL A 238 -19.79 -7.62 -4.49
N ILE A 239 -20.45 -8.77 -4.30
CA ILE A 239 -21.45 -9.30 -5.27
C ILE A 239 -22.76 -8.51 -5.11
N GLU A 240 -23.11 -8.08 -3.89
CA GLU A 240 -24.33 -7.27 -3.61
C GLU A 240 -24.29 -5.99 -4.44
N GLN A 241 -23.09 -5.44 -4.67
CA GLN A 241 -22.92 -4.11 -5.31
C GLN A 241 -22.61 -4.29 -6.80
N LEU A 242 -21.66 -5.17 -7.15
CA LEU A 242 -21.18 -5.30 -8.56
C LEU A 242 -21.95 -6.41 -9.29
N GLY A 243 -22.70 -7.24 -8.56
CA GLY A 243 -23.44 -8.39 -9.12
C GLY A 243 -22.57 -9.64 -9.19
N THR A 244 -23.22 -10.81 -9.15
CA THR A 244 -22.58 -12.12 -9.40
C THR A 244 -21.79 -12.04 -10.71
N PRO A 245 -20.51 -12.47 -10.73
CA PRO A 245 -19.72 -12.42 -11.94
C PRO A 245 -20.16 -13.49 -12.94
N CYS A 246 -19.90 -13.27 -14.22
CA CYS A 246 -20.37 -14.12 -15.34
C CYS A 246 -19.82 -15.54 -15.17
N PRO A 247 -20.57 -16.57 -15.63
CA PRO A 247 -20.06 -17.93 -15.68
C PRO A 247 -18.58 -18.02 -16.11
N GLU A 248 -18.23 -17.32 -17.18
CA GLU A 248 -16.84 -17.22 -17.75
C GLU A 248 -15.81 -17.17 -16.62
N PHE A 249 -16.06 -16.36 -15.58
CA PHE A 249 -15.10 -16.05 -14.48
C PHE A 249 -15.06 -17.22 -13.47
N MET A 250 -16.22 -17.83 -13.20
CA MET A 250 -16.38 -19.03 -12.32
C MET A 250 -15.44 -20.16 -12.79
N LYS A 251 -15.36 -20.36 -14.12
CA LYS A 251 -14.61 -21.49 -14.75
C LYS A 251 -13.13 -21.39 -14.39
N LYS A 252 -12.64 -20.20 -14.05
CA LYS A 252 -11.20 -19.95 -13.75
C LYS A 252 -10.92 -20.26 -12.27
N LEU A 253 -11.95 -20.55 -11.46
CA LEU A 253 -11.82 -20.86 -10.00
C LEU A 253 -11.47 -22.35 -9.81
N GLN A 254 -10.64 -22.66 -8.82
CA GLN A 254 -10.48 -24.02 -8.23
C GLN A 254 -11.86 -24.60 -7.95
N PRO A 255 -12.10 -25.91 -8.23
CA PRO A 255 -13.46 -26.46 -8.23
C PRO A 255 -14.15 -26.35 -6.87
N THR A 256 -13.37 -26.18 -5.79
CA THR A 256 -13.83 -26.18 -4.38
C THR A 256 -14.24 -24.75 -3.96
N VAL A 257 -13.47 -23.72 -4.36
CA VAL A 257 -13.87 -22.28 -4.21
C VAL A 257 -15.01 -21.99 -5.19
N ARG A 258 -14.87 -22.51 -6.41
CA ARG A 258 -15.88 -22.47 -7.49
C ARG A 258 -17.23 -22.93 -6.91
N ASN A 259 -17.22 -24.07 -6.21
CA ASN A 259 -18.41 -24.67 -5.53
C ASN A 259 -19.06 -23.62 -4.61
N TYR A 260 -18.27 -23.00 -3.71
CA TYR A 260 -18.75 -21.97 -2.76
C TYR A 260 -19.36 -20.78 -3.52
N VAL A 261 -18.58 -20.18 -4.42
CA VAL A 261 -18.91 -18.93 -5.15
C VAL A 261 -20.21 -19.14 -5.96
N GLU A 262 -20.25 -20.17 -6.81
CA GLU A 262 -21.38 -20.43 -7.74
C GLU A 262 -22.65 -20.78 -6.95
N ASN A 263 -22.53 -20.95 -5.62
CA ASN A 263 -23.62 -21.46 -4.74
C ASN A 263 -24.13 -20.36 -3.81
N ARG A 264 -23.52 -19.17 -3.84
CA ARG A 264 -24.04 -17.95 -3.16
C ARG A 264 -25.34 -17.53 -3.84
N PRO A 265 -26.25 -16.82 -3.14
CA PRO A 265 -27.38 -16.17 -3.80
C PRO A 265 -26.89 -15.24 -4.92
N LYS A 266 -27.52 -15.32 -6.10
CA LYS A 266 -27.23 -14.42 -7.25
C LYS A 266 -27.68 -13.01 -6.90
N TYR A 267 -26.94 -12.02 -7.37
CA TYR A 267 -27.29 -10.57 -7.32
C TYR A 267 -27.14 -9.98 -8.71
N ALA A 268 -28.16 -9.21 -9.14
CA ALA A 268 -28.17 -8.44 -10.41
C ALA A 268 -26.95 -7.52 -10.44
N GLY A 269 -26.69 -6.85 -9.31
CA GLY A 269 -25.67 -5.80 -9.19
C GLY A 269 -26.22 -4.45 -9.59
N LEU A 270 -25.64 -3.37 -9.05
CA LEU A 270 -26.08 -1.96 -9.26
C LEU A 270 -25.21 -1.35 -10.36
N THR A 271 -25.80 -0.48 -11.18
CA THR A 271 -25.06 0.40 -12.11
C THR A 271 -24.20 1.38 -11.30
N PHE A 272 -23.20 1.97 -11.93
CA PHE A 272 -22.22 2.87 -11.27
C PHE A 272 -22.87 4.20 -10.89
N PRO A 273 -23.84 4.72 -11.70
CA PRO A 273 -24.71 5.81 -11.25
C PRO A 273 -25.39 5.58 -9.89
N LYS A 274 -25.92 4.37 -9.65
CA LYS A 274 -26.59 4.01 -8.36
C LYS A 274 -25.53 3.96 -7.26
N LEU A 275 -24.45 3.20 -7.50
CA LEU A 275 -23.34 2.97 -6.53
C LEU A 275 -22.71 4.29 -6.12
N PHE A 276 -22.55 5.23 -7.06
CA PHE A 276 -21.90 6.54 -6.85
C PHE A 276 -22.79 7.66 -7.42
N PRO A 277 -23.93 7.96 -6.77
CA PRO A 277 -24.87 8.98 -7.26
C PRO A 277 -24.26 10.39 -7.43
N ASP A 278 -24.98 11.27 -8.12
CA ASP A 278 -24.52 12.63 -8.50
C ASP A 278 -24.34 13.47 -7.22
N SER A 279 -25.12 13.20 -6.18
CA SER A 279 -25.03 13.84 -4.84
C SER A 279 -23.60 13.81 -4.28
N LEU A 280 -22.78 12.82 -4.65
CA LEU A 280 -21.42 12.61 -4.06
C LEU A 280 -20.38 13.46 -4.81
N PHE A 281 -20.74 14.06 -5.93
CA PHE A 281 -19.77 14.62 -6.89
C PHE A 281 -19.80 16.14 -6.83
N PRO A 282 -18.62 16.79 -6.75
CA PRO A 282 -18.44 18.14 -7.28
C PRO A 282 -18.93 18.14 -8.74
N ALA A 283 -20.03 18.85 -8.97
CA ALA A 283 -20.77 18.91 -10.26
C ALA A 283 -21.72 20.11 -10.23
N ASP A 284 -21.16 21.31 -9.95
CA ASP A 284 -21.87 22.62 -9.98
C ASP A 284 -21.67 23.24 -11.37
N SER A 285 -20.42 23.56 -11.73
CA SER A 285 -20.01 24.07 -13.07
C SER A 285 -20.08 22.96 -14.12
N GLU A 286 -19.98 23.35 -15.39
CA GLU A 286 -19.90 22.42 -16.53
C GLU A 286 -18.61 21.58 -16.41
N HIS A 287 -17.49 22.21 -16.00
CA HIS A 287 -16.19 21.52 -15.80
C HIS A 287 -16.42 20.32 -14.88
N ASN A 288 -17.04 20.57 -13.72
CA ASN A 288 -17.16 19.62 -12.59
C ASN A 288 -18.18 18.52 -12.97
N LYS A 289 -19.21 18.85 -13.76
CA LYS A 289 -20.19 17.85 -14.24
C LYS A 289 -19.47 16.83 -15.14
N LEU A 290 -18.66 17.30 -16.08
CA LEU A 290 -17.91 16.44 -17.03
C LEU A 290 -16.92 15.57 -16.26
N LYS A 291 -16.15 16.15 -15.36
CA LYS A 291 -15.15 15.41 -14.52
C LYS A 291 -15.88 14.37 -13.66
N ALA A 292 -17.09 14.68 -13.18
CA ALA A 292 -17.94 13.74 -12.41
C ALA A 292 -18.26 12.49 -13.23
N SER A 293 -18.69 12.65 -14.51
CA SER A 293 -18.98 11.49 -15.42
C SER A 293 -17.69 10.72 -15.75
N GLN A 294 -16.57 11.41 -15.94
CA GLN A 294 -15.27 10.77 -16.28
C GLN A 294 -14.77 9.93 -15.09
N ALA A 295 -14.94 10.43 -13.87
CA ALA A 295 -14.56 9.73 -12.61
C ALA A 295 -15.38 8.44 -12.49
N ARG A 296 -16.69 8.52 -12.74
CA ARG A 296 -17.58 7.36 -12.67
C ARG A 296 -17.13 6.35 -13.72
N ASP A 297 -16.85 6.83 -14.93
CA ASP A 297 -16.44 5.97 -16.06
C ASP A 297 -15.18 5.17 -15.65
N LEU A 298 -14.21 5.81 -15.00
CA LEU A 298 -12.94 5.13 -14.60
C LEU A 298 -13.23 4.11 -13.48
N LEU A 299 -14.04 4.47 -12.49
CA LEU A 299 -14.47 3.56 -11.40
C LEU A 299 -15.06 2.28 -11.99
N SER A 300 -15.92 2.41 -13.01
CA SER A 300 -16.70 1.30 -13.62
C SER A 300 -15.74 0.34 -14.35
N LYS A 301 -14.53 0.79 -14.66
CA LYS A 301 -13.51 0.01 -15.42
C LYS A 301 -12.49 -0.60 -14.44
N MET A 302 -12.33 -0.01 -13.26
CA MET A 302 -11.35 -0.48 -12.27
C MET A 302 -12.02 -1.51 -11.34
N LEU A 303 -13.26 -1.24 -10.94
CA LEU A 303 -14.03 -2.08 -10.00
C LEU A 303 -14.78 -3.15 -10.81
N VAL A 304 -14.02 -3.98 -11.51
CA VAL A 304 -14.50 -5.12 -12.33
C VAL A 304 -13.94 -6.41 -11.73
N ILE A 305 -14.79 -7.38 -11.44
CA ILE A 305 -14.42 -8.60 -10.69
C ILE A 305 -13.48 -9.45 -11.54
N ASP A 306 -13.83 -9.66 -12.80
CA ASP A 306 -13.04 -10.47 -13.75
C ASP A 306 -11.83 -9.65 -14.21
N PRO A 307 -10.59 -10.04 -13.83
CA PRO A 307 -9.39 -9.33 -14.25
C PRO A 307 -9.16 -9.27 -15.77
N ALA A 308 -9.77 -10.17 -16.53
CA ALA A 308 -9.67 -10.20 -18.01
C ALA A 308 -10.48 -9.05 -18.58
N LYS A 309 -11.41 -8.48 -17.79
CA LYS A 309 -12.31 -7.37 -18.22
C LYS A 309 -11.94 -6.06 -17.52
N ARG A 310 -11.04 -6.09 -16.54
CA ARG A 310 -10.58 -4.93 -15.74
C ARG A 310 -9.48 -4.17 -16.52
N ILE A 311 -9.53 -2.83 -16.49
CA ILE A 311 -8.55 -1.93 -17.18
C ILE A 311 -7.14 -2.21 -16.64
N SER A 312 -6.12 -2.04 -17.47
CA SER A 312 -4.68 -2.13 -17.12
C SER A 312 -4.20 -0.80 -16.54
N VAL A 313 -3.03 -0.78 -15.91
CA VAL A 313 -2.35 0.44 -15.41
C VAL A 313 -2.14 1.40 -16.59
N ASP A 314 -1.60 0.91 -17.70
CA ASP A 314 -1.22 1.71 -18.90
C ASP A 314 -2.45 2.39 -19.48
N ASP A 315 -3.60 1.71 -19.45
CA ASP A 315 -4.88 2.18 -19.99
C ASP A 315 -5.50 3.18 -19.01
N ALA A 316 -5.39 2.95 -17.70
CA ALA A 316 -5.88 3.88 -16.65
C ALA A 316 -5.13 5.20 -16.75
N LEU A 317 -3.85 5.16 -17.15
CA LEU A 317 -2.96 6.34 -17.31
C LEU A 317 -3.35 7.12 -18.58
N GLN A 318 -4.05 6.46 -19.51
CA GLN A 318 -4.53 7.06 -20.80
C GLN A 318 -5.98 7.54 -20.66
N HIS A 319 -6.65 7.23 -19.54
CA HIS A 319 -8.07 7.62 -19.30
C HIS A 319 -8.14 9.13 -19.10
N PRO A 320 -9.14 9.83 -19.72
CA PRO A 320 -9.22 11.30 -19.66
C PRO A 320 -9.24 11.91 -18.24
N TYR A 321 -9.72 11.17 -17.23
CA TYR A 321 -9.75 11.64 -15.83
C TYR A 321 -8.32 11.80 -15.30
N ILE A 322 -7.39 10.98 -15.80
CA ILE A 322 -6.00 10.84 -15.29
C ILE A 322 -5.03 11.58 -16.22
N ASN A 323 -5.27 11.52 -17.53
CA ASN A 323 -4.28 11.71 -18.62
C ASN A 323 -3.85 13.18 -18.68
N VAL A 324 -4.59 14.08 -18.05
CA VAL A 324 -4.27 15.54 -17.96
C VAL A 324 -2.92 15.73 -17.24
N TRP A 325 -2.50 14.77 -16.42
CA TRP A 325 -1.24 14.85 -15.62
C TRP A 325 -0.09 14.13 -16.36
N TYR A 326 -0.40 13.31 -17.37
CA TYR A 326 0.57 12.35 -17.99
C TYR A 326 1.87 13.08 -18.34
N ASP A 327 3.00 12.49 -17.94
CA ASP A 327 4.36 13.05 -18.15
C ASP A 327 5.33 11.89 -18.38
N PRO A 328 5.90 11.74 -19.61
CA PRO A 328 6.78 10.62 -19.93
C PRO A 328 7.84 10.34 -18.86
N ALA A 329 8.41 11.39 -18.27
CA ALA A 329 9.50 11.31 -17.25
C ALA A 329 9.01 10.56 -16.01
N GLU A 330 7.76 10.79 -15.58
CA GLU A 330 7.19 10.17 -14.34
C GLU A 330 6.60 8.79 -14.66
N VAL A 331 6.13 8.59 -15.89
CA VAL A 331 5.36 7.38 -16.30
C VAL A 331 6.32 6.30 -16.82
N GLU A 332 7.40 6.71 -17.51
CA GLU A 332 8.35 5.79 -18.20
C GLU A 332 9.75 5.95 -17.60
N ALA A 333 9.83 6.25 -16.29
CA ALA A 333 11.08 6.25 -15.50
C ALA A 333 11.60 4.82 -15.36
N PRO A 334 12.81 4.51 -15.86
CA PRO A 334 13.33 3.14 -15.84
C PRO A 334 13.53 2.62 -14.41
N PRO A 335 13.40 1.29 -14.18
CA PRO A 335 13.69 0.72 -12.86
C PRO A 335 15.20 0.60 -12.62
N LEU A 343 14.58 -14.22 -3.85
CA LEU A 343 14.25 -13.23 -2.79
C LEU A 343 12.95 -13.64 -2.09
N ASP A 344 11.86 -13.75 -2.86
CA ASP A 344 10.49 -14.07 -2.34
C ASP A 344 10.39 -15.55 -1.97
N GLU A 345 11.28 -16.40 -2.51
CA GLU A 345 11.17 -17.88 -2.48
C GLU A 345 11.90 -18.44 -1.23
N ARG A 346 12.24 -17.56 -0.28
CA ARG A 346 13.15 -17.88 0.87
C ARG A 346 12.32 -18.28 2.09
N GLU A 347 12.71 -19.39 2.75
CA GLU A 347 12.17 -19.85 4.06
C GLU A 347 13.34 -20.16 5.00
N HIS A 348 13.40 -19.49 6.14
CA HIS A 348 14.56 -19.53 7.09
C HIS A 348 14.05 -19.66 8.52
N THR A 349 14.90 -20.19 9.40
CA THR A 349 14.78 -20.06 10.87
C THR A 349 14.99 -18.59 11.26
N ILE A 350 14.69 -18.25 12.50
CA ILE A 350 14.78 -16.86 13.01
C ILE A 350 16.25 -16.49 13.20
N GLU A 351 17.09 -17.48 13.43
CA GLU A 351 18.57 -17.33 13.54
C GLU A 351 19.14 -16.88 12.19
N GLU A 352 18.79 -17.57 11.11
CA GLU A 352 19.25 -17.26 9.72
C GLU A 352 18.74 -15.87 9.29
N TRP A 353 17.47 -15.55 9.57
CA TRP A 353 16.85 -14.25 9.25
C TRP A 353 17.64 -13.12 9.89
N LYS A 354 17.95 -13.24 11.19
CA LYS A 354 18.75 -12.25 11.95
C LYS A 354 20.00 -11.89 11.14
N GLU A 355 20.75 -12.91 10.74
CA GLU A 355 21.98 -12.78 9.93
C GLU A 355 21.68 -12.03 8.62
N LEU A 356 20.73 -12.53 7.82
CA LEU A 356 20.36 -11.95 6.50
C LEU A 356 20.06 -10.46 6.67
N ILE A 357 19.27 -10.11 7.69
CA ILE A 357 18.80 -8.71 7.96
C ILE A 357 20.01 -7.87 8.42
N TYR A 358 20.85 -8.40 9.31
CA TYR A 358 22.05 -7.71 9.84
C TYR A 358 23.01 -7.35 8.70
N LYS A 359 23.28 -8.30 7.80
CA LYS A 359 24.17 -8.12 6.62
C LYS A 359 23.62 -7.00 5.74
N GLU A 360 22.30 -6.91 5.62
CA GLU A 360 21.63 -5.92 4.75
C GLU A 360 21.71 -4.54 5.40
N VAL A 361 21.51 -4.45 6.72
CA VAL A 361 21.63 -3.18 7.49
C VAL A 361 23.08 -2.70 7.41
N MET A 362 24.03 -3.54 7.82
CA MET A 362 25.49 -3.25 7.82
C MET A 362 25.99 -3.08 6.38
N ASN A 363 25.25 -3.62 5.40
CA ASN A 363 25.60 -3.59 3.96
C ASN A 363 26.87 -4.45 3.75
N SER A 364 26.99 -5.54 4.52
CA SER A 364 28.18 -6.43 4.57
C SER A 364 28.30 -7.24 3.26
N GLU A 365 27.17 -7.49 2.60
CA GLU A 365 27.07 -8.32 1.36
C GLU A 365 25.94 -7.78 0.47
#